data_8CQO
#
_entry.id   8CQO
#
_cell.length_a   99.440
_cell.length_b   52.720
_cell.length_c   94.991
_cell.angle_alpha   90.000
_cell.angle_beta   90.460
_cell.angle_gamma   90.000
#
_symmetry.space_group_name_H-M   'C 1 2 1'
#
_entity_poly.entity_id   1
_entity_poly.type   'polypeptide(L)'
_entity_poly.pdbx_seq_one_letter_code
;GA(MSE)GNKEQKNNNNVKEVSDSVQEDGLNDLYNNQEKQKSFTKNFGERKYEDLINPIEPIIPSESPKNKANIPNISIA
HTEKKETKKENLIPSTNEEKEADAAIKYLEENILKNSKFSELIREVRVIKDEYALIKADLYDVIGKINNKKTSL(MSE)E
NPKNNRDKINKLTQLLQNNLKIDSELEQLIN(MSE)ID(MSE)AENEISSAAFFFDNAQKRLKESIIKRLESKNNRSYAL
KLSRQALSDARSALSNLESFASKRIEP(MSE)VRKEEIKELIKHAKTVLESLNKK
;
_entity_poly.pdbx_strand_id   A,B
#
# COMPACT_ATOMS: atom_id res chain seq x y z
N GLU A 86 -6.01 -13.66 -8.60
CA GLU A 86 -5.48 -14.59 -9.63
C GLU A 86 -4.85 -13.78 -10.77
N ASN A 87 -5.61 -12.88 -11.37
CA ASN A 87 -5.17 -11.89 -12.42
C ASN A 87 -3.77 -11.36 -12.07
N LEU A 88 -2.80 -11.53 -12.97
CA LEU A 88 -1.39 -11.09 -12.78
C LEU A 88 -0.81 -10.57 -14.11
N ILE A 89 -1.54 -10.74 -15.21
CA ILE A 89 -1.14 -10.37 -16.59
C ILE A 89 -0.98 -8.85 -16.65
N PRO A 90 0.03 -8.30 -17.36
CA PRO A 90 0.11 -6.85 -17.57
C PRO A 90 -0.94 -6.29 -18.54
N SER A 91 -1.54 -5.14 -18.22
CA SER A 91 -2.57 -4.43 -19.04
C SER A 91 -2.01 -3.09 -19.51
N THR A 92 -1.68 -2.22 -18.55
CA THR A 92 -1.34 -0.79 -18.79
C THR A 92 -0.30 -0.76 -19.91
N ASN A 93 -0.37 0.24 -20.79
CA ASN A 93 0.56 0.37 -21.93
C ASN A 93 2.00 0.20 -21.39
N GLU A 94 2.27 0.80 -20.24
CA GLU A 94 3.62 0.89 -19.64
C GLU A 94 4.04 -0.49 -19.14
N GLU A 95 3.10 -1.27 -18.63
CA GLU A 95 3.35 -2.67 -18.18
C GLU A 95 3.80 -3.49 -19.38
N LYS A 96 3.09 -3.37 -20.50
CA LYS A 96 3.43 -4.19 -21.69
C LYS A 96 4.82 -3.72 -22.18
N GLU A 97 5.06 -2.42 -22.21
CA GLU A 97 6.35 -1.85 -22.70
C GLU A 97 7.53 -2.46 -21.93
N ALA A 98 7.40 -2.59 -20.61
CA ALA A 98 8.41 -3.17 -19.71
C ALA A 98 8.43 -4.69 -19.88
N ASP A 99 7.26 -5.34 -19.80
CA ASP A 99 7.14 -6.80 -20.01
C ASP A 99 7.83 -7.14 -21.34
N ALA A 100 7.49 -6.43 -22.40
CA ALA A 100 8.05 -6.64 -23.75
C ALA A 100 9.58 -6.59 -23.69
N ALA A 101 10.10 -5.52 -23.11
CA ALA A 101 11.55 -5.26 -22.97
C ALA A 101 12.20 -6.45 -22.29
N ILE A 102 11.65 -6.79 -21.12
CA ILE A 102 12.13 -7.92 -20.27
C ILE A 102 12.04 -9.24 -21.03
N LYS A 103 10.88 -9.55 -21.62
CA LYS A 103 10.65 -10.83 -22.35
C LYS A 103 11.67 -10.93 -23.49
N TYR A 104 12.04 -9.80 -24.08
CA TYR A 104 12.93 -9.76 -25.27
C TYR A 104 14.35 -10.23 -24.91
N LEU A 105 14.93 -9.67 -23.86
CA LEU A 105 16.21 -10.16 -23.28
C LEU A 105 16.07 -11.63 -22.91
N GLU A 106 14.94 -11.98 -22.28
CA GLU A 106 14.66 -13.36 -21.83
C GLU A 106 14.79 -14.30 -23.01
N GLU A 107 13.91 -14.17 -24.00
CA GLU A 107 13.75 -15.19 -25.07
C GLU A 107 15.03 -15.23 -25.91
N ASN A 108 15.25 -14.25 -26.79
CA ASN A 108 16.23 -14.37 -27.90
C ASN A 108 17.64 -13.89 -27.50
N ILE A 109 17.93 -13.75 -26.20
CA ILE A 109 19.28 -13.35 -25.68
C ILE A 109 19.71 -14.24 -24.51
N LEU A 110 18.88 -14.38 -23.47
CA LEU A 110 19.23 -15.11 -22.21
C LEU A 110 18.88 -16.61 -22.34
N LYS A 111 18.30 -17.00 -23.48
CA LYS A 111 18.34 -18.39 -23.99
C LYS A 111 19.52 -18.51 -24.97
N ASN A 112 19.74 -17.44 -25.76
CA ASN A 112 20.89 -17.24 -26.69
C ASN A 112 22.23 -17.38 -25.93
N SER A 113 22.33 -16.88 -24.69
CA SER A 113 23.53 -16.96 -23.81
C SER A 113 23.12 -16.73 -22.34
N LYS A 114 23.48 -17.60 -21.39
CA LYS A 114 22.94 -17.55 -19.99
C LYS A 114 23.90 -16.78 -19.06
N PHE A 115 23.39 -16.28 -17.93
CA PHE A 115 24.10 -15.37 -16.98
C PHE A 115 25.18 -16.07 -16.15
N SER A 116 25.10 -17.39 -16.00
CA SER A 116 26.12 -18.21 -15.28
C SER A 116 27.27 -18.50 -16.25
N GLU A 117 26.94 -19.03 -17.41
CA GLU A 117 27.86 -19.18 -18.58
C GLU A 117 28.64 -17.88 -18.79
N LEU A 118 27.95 -16.73 -18.83
CA LEU A 118 28.56 -15.46 -19.26
C LEU A 118 29.64 -15.05 -18.27
N ILE A 119 29.42 -15.33 -16.98
CA ILE A 119 30.33 -15.02 -15.84
C ILE A 119 31.55 -15.95 -15.88
N ARG A 120 31.35 -17.27 -16.02
CA ARG A 120 32.48 -18.23 -16.02
C ARG A 120 33.40 -17.91 -17.22
N GLU A 121 32.82 -17.59 -18.39
CA GLU A 121 33.57 -17.19 -19.61
C GLU A 121 34.61 -16.12 -19.25
N VAL A 122 34.20 -15.11 -18.49
CA VAL A 122 35.12 -14.01 -18.06
C VAL A 122 36.05 -14.53 -16.97
N ARG A 123 35.51 -15.18 -15.95
CA ARG A 123 36.29 -15.60 -14.76
C ARG A 123 37.35 -16.64 -15.15
N VAL A 124 37.38 -17.07 -16.42
CA VAL A 124 38.50 -17.89 -16.98
C VAL A 124 39.60 -16.93 -17.44
N ILE A 125 39.28 -16.06 -18.39
CA ILE A 125 40.29 -15.17 -19.05
C ILE A 125 40.87 -14.17 -18.03
N LYS A 126 40.05 -13.64 -17.12
CA LYS A 126 40.51 -12.97 -15.88
C LYS A 126 41.66 -13.78 -15.27
N ASP A 127 41.43 -15.08 -15.09
CA ASP A 127 42.38 -15.98 -14.41
C ASP A 127 43.55 -16.30 -15.34
N GLU A 128 43.39 -16.15 -16.65
CA GLU A 128 44.50 -16.38 -17.61
C GLU A 128 45.44 -15.17 -17.58
N TYR A 129 44.88 -13.95 -17.53
CA TYR A 129 45.65 -12.67 -17.46
C TYR A 129 46.37 -12.56 -16.13
N ALA A 130 45.81 -13.16 -15.08
CA ALA A 130 46.46 -13.26 -13.77
C ALA A 130 47.77 -14.05 -13.94
N LEU A 131 47.73 -15.26 -14.51
CA LEU A 131 48.93 -16.12 -14.70
C LEU A 131 49.99 -15.34 -15.48
N ILE A 132 49.57 -14.52 -16.44
CA ILE A 132 50.52 -13.79 -17.33
C ILE A 132 51.15 -12.66 -16.54
N LYS A 133 50.35 -11.91 -15.77
CA LYS A 133 50.88 -10.89 -14.85
C LYS A 133 51.94 -11.57 -13.97
N ALA A 134 51.59 -12.72 -13.43
CA ALA A 134 52.47 -13.50 -12.54
C ALA A 134 53.76 -13.76 -13.30
N ASP A 135 53.63 -14.31 -14.49
CA ASP A 135 54.79 -14.69 -15.33
C ASP A 135 55.70 -13.48 -15.51
N LEU A 136 55.15 -12.30 -15.79
CA LEU A 136 55.91 -11.05 -16.04
C LEU A 136 56.64 -10.63 -14.77
N TYR A 137 55.88 -10.34 -13.72
CA TYR A 137 56.42 -9.89 -12.40
C TYR A 137 57.57 -10.82 -12.01
N ASP A 138 57.44 -12.10 -12.32
CA ASP A 138 58.49 -13.12 -12.01
C ASP A 138 59.75 -12.78 -12.80
N VAL A 139 59.63 -12.57 -14.11
CA VAL A 139 60.80 -12.34 -14.97
C VAL A 139 61.51 -11.09 -14.50
N ILE A 140 60.75 -10.02 -14.29
CA ILE A 140 61.27 -8.70 -13.87
C ILE A 140 62.14 -8.87 -12.62
N GLY A 141 61.65 -9.57 -11.62
CA GLY A 141 62.46 -9.91 -10.44
C GLY A 141 63.81 -10.47 -10.86
N LYS A 142 63.78 -11.51 -11.69
CA LYS A 142 65.00 -12.26 -12.10
C LYS A 142 65.93 -11.31 -12.85
N ILE A 143 65.33 -10.38 -13.62
CA ILE A 143 66.05 -9.27 -14.31
C ILE A 143 66.68 -8.39 -13.23
N ASN A 144 65.85 -7.68 -12.50
CA ASN A 144 66.29 -6.79 -11.43
C ASN A 144 67.43 -7.47 -10.69
N ASN A 145 67.31 -8.77 -10.44
CA ASN A 145 68.28 -9.44 -9.56
C ASN A 145 69.58 -9.63 -10.31
N LYS A 146 69.55 -10.17 -11.51
CA LYS A 146 70.77 -10.31 -12.32
C LYS A 146 71.48 -8.96 -12.36
N LYS A 147 70.70 -7.89 -12.54
CA LYS A 147 71.18 -6.51 -12.77
C LYS A 147 71.76 -5.96 -11.49
N THR A 148 71.05 -6.13 -10.38
CA THR A 148 71.54 -5.77 -9.03
C THR A 148 72.95 -6.34 -8.87
N SER A 149 73.05 -7.67 -8.86
CA SER A 149 74.31 -8.45 -8.65
C SER A 149 75.41 -7.94 -9.56
N LEU A 150 75.09 -7.72 -10.84
CA LEU A 150 76.11 -7.42 -11.89
C LEU A 150 76.61 -5.98 -11.78
N GLU A 152 77.87 -4.81 -9.11
CA GLU A 152 79.09 -4.89 -8.31
C GLU A 152 80.28 -5.21 -9.23
N ASN A 153 80.14 -5.04 -10.55
CA ASN A 153 81.27 -5.03 -11.50
C ASN A 153 80.91 -4.14 -12.69
N PRO A 154 80.42 -2.90 -12.42
CA PRO A 154 79.76 -2.06 -13.43
C PRO A 154 80.57 -1.68 -14.67
N LYS A 155 81.86 -1.38 -14.48
CA LYS A 155 82.79 -1.05 -15.57
C LYS A 155 82.99 -2.31 -16.43
N ASN A 156 83.15 -3.47 -15.78
CA ASN A 156 83.47 -4.76 -16.47
C ASN A 156 82.21 -5.35 -17.12
N ASN A 157 81.02 -4.86 -16.78
CA ASN A 157 79.72 -5.51 -17.08
C ASN A 157 78.76 -4.47 -17.69
N ARG A 158 79.31 -3.54 -18.45
CA ARG A 158 78.57 -2.34 -18.89
C ARG A 158 77.50 -2.80 -19.89
N ASP A 159 77.94 -3.33 -21.04
CA ASP A 159 77.01 -3.81 -22.10
C ASP A 159 75.93 -4.63 -21.40
N LYS A 160 76.34 -5.70 -20.70
CA LYS A 160 75.48 -6.63 -19.94
C LYS A 160 74.38 -5.85 -19.24
N ILE A 161 74.78 -4.88 -18.42
CA ILE A 161 73.84 -4.04 -17.62
C ILE A 161 72.91 -3.24 -18.54
N ASN A 162 73.39 -2.80 -19.71
CA ASN A 162 72.59 -1.93 -20.61
C ASN A 162 71.52 -2.79 -21.26
N LYS A 163 71.90 -3.92 -21.86
CA LYS A 163 70.95 -4.97 -22.30
C LYS A 163 69.87 -5.09 -21.22
N LEU A 164 70.28 -5.26 -19.97
CA LEU A 164 69.41 -5.66 -18.83
C LEU A 164 68.47 -4.52 -18.48
N THR A 165 68.99 -3.30 -18.49
CA THR A 165 68.17 -2.10 -18.22
C THR A 165 67.12 -1.99 -19.33
N GLN A 166 67.57 -1.90 -20.57
CA GLN A 166 66.63 -1.79 -21.72
C GLN A 166 65.57 -2.89 -21.54
N LEU A 167 66.00 -4.08 -21.19
CA LEU A 167 65.07 -5.21 -21.09
C LEU A 167 64.03 -4.89 -20.03
N LEU A 168 64.49 -4.45 -18.89
CA LEU A 168 63.64 -4.17 -17.71
C LEU A 168 62.64 -3.03 -18.04
N GLN A 169 63.14 -1.92 -18.58
CA GLN A 169 62.32 -0.76 -19.00
C GLN A 169 61.21 -1.26 -19.93
N ASN A 170 61.58 -2.12 -20.89
CA ASN A 170 60.63 -2.80 -21.81
C ASN A 170 59.52 -3.50 -21.03
N ASN A 171 59.86 -4.25 -20.01
CA ASN A 171 58.86 -5.12 -19.35
C ASN A 171 57.90 -4.24 -18.53
N LEU A 172 58.36 -3.12 -17.97
CA LEU A 172 57.43 -2.14 -17.35
C LEU A 172 56.43 -1.66 -18.41
N LYS A 173 56.88 -1.18 -19.58
CA LYS A 173 55.98 -0.83 -20.72
C LYS A 173 54.96 -1.97 -20.90
N ILE A 174 55.41 -3.20 -21.08
CA ILE A 174 54.48 -4.34 -21.25
C ILE A 174 53.54 -4.38 -20.04
N ASP A 175 54.11 -4.51 -18.83
CA ASP A 175 53.30 -4.58 -17.60
C ASP A 175 52.17 -3.56 -17.70
N SER A 176 52.51 -2.30 -17.91
CA SER A 176 51.54 -1.18 -18.04
C SER A 176 50.38 -1.53 -18.99
N GLU A 177 50.66 -2.02 -20.20
CA GLU A 177 49.60 -2.47 -21.14
C GLU A 177 48.85 -3.65 -20.53
N LEU A 178 49.59 -4.61 -19.98
CA LEU A 178 48.95 -5.77 -19.31
C LEU A 178 47.94 -5.25 -18.30
N GLU A 179 48.27 -4.16 -17.60
CA GLU A 179 47.43 -3.61 -16.49
C GLU A 179 46.06 -3.21 -17.04
N GLN A 180 46.03 -2.45 -18.13
CA GLN A 180 44.76 -1.93 -18.69
C GLN A 180 43.88 -3.12 -19.04
N LEU A 181 44.44 -4.09 -19.77
CA LEU A 181 43.72 -5.32 -20.19
C LEU A 181 43.14 -6.02 -18.96
N ILE A 182 43.89 -6.09 -17.88
CA ILE A 182 43.36 -6.64 -16.61
C ILE A 182 42.15 -5.80 -16.17
N ASN A 183 42.25 -4.48 -16.25
CA ASN A 183 41.17 -3.57 -15.77
C ASN A 183 39.95 -3.76 -16.65
N ILE A 185 39.04 -6.19 -18.21
CA ILE A 185 38.42 -7.46 -17.86
C ILE A 185 37.68 -7.38 -16.52
N ASP A 186 38.17 -6.57 -15.59
CA ASP A 186 37.48 -6.40 -14.27
C ASP A 186 36.14 -5.76 -14.53
N ALA A 188 34.44 -5.65 -17.33
CA ALA A 188 33.65 -6.65 -18.01
C ALA A 188 32.92 -7.48 -16.94
N GLU A 189 33.65 -8.11 -16.02
CA GLU A 189 33.09 -8.88 -14.87
C GLU A 189 32.04 -8.04 -14.13
N ASN A 190 32.40 -6.82 -13.69
CA ASN A 190 31.44 -5.92 -13.01
C ASN A 190 30.23 -5.77 -13.92
N GLU A 191 30.42 -5.26 -15.13
CA GLU A 191 29.28 -4.97 -16.03
C GLU A 191 28.27 -6.12 -15.92
N ILE A 192 28.58 -7.25 -16.58
CA ILE A 192 27.75 -8.50 -16.64
C ILE A 192 27.09 -8.77 -15.29
N SER A 193 27.74 -8.50 -14.15
CA SER A 193 27.10 -8.71 -12.84
C SER A 193 26.00 -7.65 -12.64
N SER A 194 26.19 -6.44 -13.16
CA SER A 194 25.18 -5.34 -13.05
C SER A 194 24.05 -5.59 -14.04
N ALA A 195 24.38 -6.16 -15.20
CA ALA A 195 23.38 -6.67 -16.16
C ALA A 195 22.34 -7.49 -15.40
N ALA A 196 22.81 -8.50 -14.68
CA ALA A 196 21.99 -9.38 -13.82
C ALA A 196 21.19 -8.50 -12.87
N PHE A 197 21.88 -7.76 -12.02
CA PHE A 197 21.25 -6.90 -10.99
C PHE A 197 20.04 -6.22 -11.61
N PHE A 198 20.27 -5.29 -12.53
CA PHE A 198 19.18 -4.52 -13.21
C PHE A 198 18.07 -5.45 -13.70
N PHE A 199 18.45 -6.59 -14.29
CA PHE A 199 17.50 -7.56 -14.89
C PHE A 199 16.61 -8.13 -13.79
N ASP A 200 17.22 -8.66 -12.73
CA ASP A 200 16.45 -9.08 -11.55
C ASP A 200 15.50 -7.95 -11.18
N ASN A 201 16.04 -6.79 -10.79
CA ASN A 201 15.22 -5.64 -10.30
C ASN A 201 14.07 -5.42 -11.27
N ALA A 202 14.39 -5.13 -12.52
CA ALA A 202 13.39 -5.07 -13.61
C ALA A 202 12.23 -6.03 -13.29
N GLN A 203 12.50 -7.33 -13.22
CA GLN A 203 11.44 -8.35 -12.99
C GLN A 203 10.63 -8.01 -11.72
N LYS A 204 11.30 -7.74 -10.60
CA LYS A 204 10.65 -7.36 -9.32
C LYS A 204 9.85 -6.09 -9.52
N ARG A 205 10.45 -5.10 -10.18
CA ARG A 205 9.86 -3.75 -10.32
C ARG A 205 8.49 -3.88 -11.00
N LEU A 206 8.46 -4.51 -12.18
CA LEU A 206 7.21 -4.85 -12.88
C LEU A 206 6.20 -5.49 -11.90
N LYS A 207 6.49 -6.68 -11.36
CA LYS A 207 5.56 -7.38 -10.42
C LYS A 207 4.95 -6.33 -9.52
N GLU A 208 5.82 -5.56 -8.86
CA GLU A 208 5.47 -4.60 -7.78
C GLU A 208 4.49 -3.52 -8.27
N SER A 209 4.59 -3.11 -9.53
CA SER A 209 3.64 -2.16 -10.16
C SER A 209 2.27 -2.83 -10.33
N ILE A 210 2.24 -4.00 -10.97
CA ILE A 210 0.97 -4.74 -11.29
C ILE A 210 0.18 -4.92 -10.00
N ILE A 211 0.86 -5.32 -8.92
CA ILE A 211 0.27 -5.28 -7.55
C ILE A 211 -0.34 -3.90 -7.30
N LYS A 212 0.44 -2.82 -7.30
CA LYS A 212 -0.07 -1.46 -6.98
C LYS A 212 -1.27 -1.11 -7.84
N ARG A 213 -1.27 -1.52 -9.12
CA ARG A 213 -2.43 -1.28 -10.02
C ARG A 213 -3.63 -1.96 -9.39
N LEU A 214 -3.65 -3.28 -9.35
CA LEU A 214 -4.75 -4.07 -8.75
C LEU A 214 -5.11 -3.47 -7.39
N GLU A 215 -4.11 -3.12 -6.57
CA GLU A 215 -4.35 -2.45 -5.27
C GLU A 215 -5.23 -1.24 -5.54
N SER A 216 -4.77 -0.27 -6.32
CA SER A 216 -5.54 0.96 -6.60
C SER A 216 -6.88 0.61 -7.27
N LYS A 217 -6.88 -0.36 -8.19
CA LYS A 217 -8.14 -0.86 -8.78
C LYS A 217 -9.07 -1.17 -7.61
N ASN A 218 -8.71 -2.16 -6.79
CA ASN A 218 -9.55 -2.59 -5.65
C ASN A 218 -10.04 -1.37 -4.90
N ASN A 219 -9.13 -0.53 -4.42
CA ASN A 219 -9.46 0.67 -3.60
C ASN A 219 -10.57 1.47 -4.27
N ARG A 220 -10.43 1.83 -5.54
CA ARG A 220 -11.43 2.64 -6.29
C ARG A 220 -12.80 1.94 -6.23
N SER A 221 -12.78 0.64 -6.50
CA SER A 221 -13.92 -0.28 -6.31
C SER A 221 -14.54 -0.05 -4.93
N TYR A 222 -13.74 -0.16 -3.86
CA TYR A 222 -14.18 0.03 -2.46
C TYR A 222 -14.83 1.41 -2.30
N ALA A 223 -14.12 2.45 -2.69
CA ALA A 223 -14.58 3.87 -2.66
C ALA A 223 -16.05 3.95 -3.11
N LEU A 224 -16.36 3.26 -4.21
CA LEU A 224 -17.73 3.20 -4.77
C LEU A 224 -18.64 2.59 -3.72
N LYS A 225 -18.34 1.37 -3.33
CA LYS A 225 -19.17 0.59 -2.39
C LYS A 225 -19.50 1.49 -1.20
N LEU A 226 -18.49 2.21 -0.72
CA LEU A 226 -18.58 3.13 0.45
C LEU A 226 -19.57 4.22 0.09
N SER A 227 -19.34 4.89 -1.04
CA SER A 227 -20.20 5.99 -1.53
C SER A 227 -21.68 5.55 -1.52
N ARG A 228 -21.96 4.24 -1.61
CA ARG A 228 -23.35 3.70 -1.75
C ARG A 228 -23.91 3.26 -0.39
N GLN A 229 -23.08 2.71 0.47
CA GLN A 229 -23.48 2.32 1.84
C GLN A 229 -23.89 3.58 2.54
N ALA A 230 -23.08 4.62 2.38
CA ALA A 230 -23.34 5.99 2.89
C ALA A 230 -24.80 6.37 2.62
N LEU A 231 -25.20 6.33 1.37
CA LEU A 231 -26.59 6.64 0.94
C LEU A 231 -27.58 5.70 1.61
N SER A 232 -27.31 4.39 1.58
CA SER A 232 -28.21 3.37 2.16
C SER A 232 -28.35 3.60 3.66
N ASP A 233 -27.26 4.02 4.28
CA ASP A 233 -27.25 4.47 5.69
C ASP A 233 -28.19 5.67 5.80
N ALA A 234 -28.00 6.70 4.98
CA ALA A 234 -28.80 7.95 5.00
C ALA A 234 -30.31 7.63 4.88
N ARG A 235 -30.66 6.58 4.16
CA ARG A 235 -32.07 6.23 3.97
C ARG A 235 -32.57 5.48 5.20
N SER A 236 -31.83 4.47 5.65
CA SER A 236 -32.20 3.70 6.85
C SER A 236 -32.45 4.68 7.99
N ALA A 237 -31.67 5.75 8.00
CA ALA A 237 -31.75 6.84 8.99
C ALA A 237 -33.07 7.59 8.83
N LEU A 238 -33.39 8.02 7.62
CA LEU A 238 -34.68 8.70 7.32
C LEU A 238 -35.86 7.83 7.79
N SER A 239 -35.88 6.57 7.35
CA SER A 239 -36.92 5.57 7.68
C SER A 239 -37.09 5.46 9.19
N ASN A 240 -36.00 5.37 9.94
CA ASN A 240 -36.08 5.30 11.43
C ASN A 240 -36.73 6.60 11.92
N LEU A 241 -36.20 7.73 11.50
CA LEU A 241 -36.70 9.04 11.99
C LEU A 241 -38.20 9.18 11.81
N GLU A 242 -38.78 8.60 10.76
CA GLU A 242 -40.24 8.71 10.49
C GLU A 242 -40.99 7.76 11.43
N SER A 243 -40.48 6.54 11.58
CA SER A 243 -41.03 5.56 12.54
C SER A 243 -41.01 6.20 13.91
N PHE A 244 -39.87 6.76 14.28
CA PHE A 244 -39.74 7.54 15.53
C PHE A 244 -40.76 8.67 15.55
N ALA A 245 -40.87 9.46 14.50
CA ALA A 245 -41.74 10.64 14.52
C ALA A 245 -43.16 10.17 14.82
N SER A 246 -43.63 9.17 14.08
CA SER A 246 -45.05 8.77 14.06
C SER A 246 -45.41 8.10 15.38
N LYS A 247 -44.51 7.26 15.86
CA LYS A 247 -44.74 6.47 17.08
C LYS A 247 -45.00 7.42 18.25
N ARG A 248 -44.27 8.54 18.37
CA ARG A 248 -44.43 9.43 19.54
C ARG A 248 -45.71 10.28 19.49
N ILE A 249 -46.54 10.19 18.47
CA ILE A 249 -47.69 11.12 18.36
C ILE A 249 -48.75 10.75 19.38
N GLU A 250 -49.37 9.59 19.25
CA GLU A 250 -50.51 9.23 20.14
C GLU A 250 -50.07 9.49 21.58
N PRO A 251 -48.89 8.99 21.98
CA PRO A 251 -48.35 9.33 23.30
C PRO A 251 -48.41 10.81 23.64
N VAL A 253 -50.32 13.04 22.40
CA VAL A 253 -51.62 13.62 22.18
C VAL A 253 -52.59 13.20 23.30
N ARG A 254 -52.44 12.02 23.86
CA ARG A 254 -53.33 11.56 24.96
C ARG A 254 -52.73 11.90 26.32
N LYS A 255 -51.61 12.61 26.39
CA LYS A 255 -50.92 12.82 27.70
C LYS A 255 -51.85 13.57 28.66
N GLU A 256 -52.11 14.84 28.36
CA GLU A 256 -52.92 15.71 29.26
C GLU A 256 -54.36 15.16 29.31
N GLU A 257 -54.85 14.58 28.20
CA GLU A 257 -56.17 13.89 28.14
C GLU A 257 -56.31 12.97 29.35
N ILE A 258 -55.27 12.22 29.70
CA ILE A 258 -55.34 11.13 30.73
C ILE A 258 -55.05 11.73 32.11
N LYS A 259 -54.12 12.68 32.20
CA LYS A 259 -53.91 13.55 33.37
C LYS A 259 -55.27 14.02 33.92
N GLU A 260 -56.05 14.78 33.13
CA GLU A 260 -57.38 15.28 33.56
C GLU A 260 -58.30 14.10 33.96
N LEU A 261 -58.23 12.98 33.23
CA LEU A 261 -59.10 11.80 33.46
C LEU A 261 -58.74 11.17 34.81
N ILE A 262 -57.46 11.15 35.17
CA ILE A 262 -57.02 10.75 36.54
C ILE A 262 -57.67 11.71 37.54
N LYS A 263 -57.34 13.00 37.44
CA LYS A 263 -57.55 14.01 38.52
C LYS A 263 -59.05 14.35 38.64
N HIS A 264 -59.84 14.12 37.58
CA HIS A 264 -61.32 14.15 37.68
C HIS A 264 -61.75 13.03 38.63
N ALA A 265 -61.21 11.82 38.45
CA ALA A 265 -61.52 10.63 39.27
C ALA A 265 -61.00 10.80 40.71
N LYS A 266 -59.96 11.61 40.92
CA LYS A 266 -59.34 11.91 42.24
C LYS A 266 -60.33 12.66 43.16
N THR A 267 -60.94 13.74 42.68
CA THR A 267 -61.88 14.60 43.46
C THR A 267 -63.18 13.80 43.73
N VAL A 268 -63.61 12.97 42.77
CA VAL A 268 -64.79 12.07 42.91
C VAL A 268 -64.54 11.04 44.03
N LEU A 269 -63.28 10.86 44.44
CA LEU A 269 -62.89 10.03 45.61
C LEU A 269 -62.94 10.87 46.91
N GLU A 270 -62.46 12.13 46.88
CA GLU A 270 -62.44 13.05 48.06
C GLU A 270 -63.88 13.28 48.57
N SER A 271 -64.85 13.37 47.66
CA SER A 271 -66.30 13.59 47.96
C SER A 271 -67.14 12.42 47.43
N LEU A 272 -67.88 11.72 48.31
CA LEU A 272 -68.82 10.63 47.95
C LEU A 272 -69.99 10.60 48.95
N LEU B 88 -11.32 17.32 -0.17
CA LEU B 88 -12.22 16.50 0.76
C LEU B 88 -13.71 16.69 0.42
N ILE B 89 -14.05 17.04 -0.82
CA ILE B 89 -15.38 17.54 -1.27
C ILE B 89 -15.98 16.55 -2.25
N PRO B 90 -17.23 16.11 -2.07
CA PRO B 90 -17.89 15.20 -3.01
C PRO B 90 -17.81 15.56 -4.50
N SER B 91 -17.13 14.76 -5.34
CA SER B 91 -17.21 14.84 -6.82
C SER B 91 -17.98 13.65 -7.41
N THR B 92 -17.59 12.39 -7.18
CA THR B 92 -18.30 11.27 -7.86
C THR B 92 -19.79 11.50 -7.66
N ASN B 93 -20.60 11.30 -8.71
CA ASN B 93 -22.08 11.39 -8.65
C ASN B 93 -22.65 10.54 -7.52
N GLU B 94 -21.97 9.45 -7.21
CA GLU B 94 -22.29 8.52 -6.11
C GLU B 94 -22.05 9.24 -4.78
N GLU B 95 -20.93 9.94 -4.66
CA GLU B 95 -20.59 10.75 -3.47
C GLU B 95 -21.57 11.93 -3.35
N LYS B 96 -21.97 12.51 -4.47
CA LYS B 96 -22.90 13.66 -4.48
C LYS B 96 -24.25 13.17 -3.92
N GLU B 97 -24.76 12.09 -4.48
CA GLU B 97 -26.11 11.56 -4.19
C GLU B 97 -26.21 11.24 -2.70
N ALA B 98 -25.12 10.77 -2.09
CA ALA B 98 -25.03 10.47 -0.65
C ALA B 98 -25.06 11.79 0.13
N ASP B 99 -24.10 12.64 -0.19
CA ASP B 99 -24.00 13.99 0.36
C ASP B 99 -25.40 14.58 0.46
N ALA B 100 -26.11 14.63 -0.66
CA ALA B 100 -27.47 15.21 -0.76
C ALA B 100 -28.41 14.60 0.30
N ALA B 101 -28.42 13.28 0.40
CA ALA B 101 -29.28 12.49 1.31
C ALA B 101 -29.03 12.89 2.77
N ILE B 102 -27.77 13.11 3.12
CA ILE B 102 -27.37 13.52 4.50
C ILE B 102 -27.84 14.94 4.71
N LYS B 103 -27.53 15.84 3.79
CA LYS B 103 -28.00 17.24 3.85
C LYS B 103 -29.54 17.26 3.93
N TYR B 104 -30.24 16.42 3.17
CA TYR B 104 -31.73 16.33 3.23
C TYR B 104 -32.18 16.22 4.67
N LEU B 105 -31.49 15.41 5.47
CA LEU B 105 -31.87 15.19 6.88
C LEU B 105 -31.44 16.40 7.70
N GLU B 106 -30.19 16.81 7.52
CA GLU B 106 -29.63 18.01 8.21
C GLU B 106 -30.59 19.17 8.01
N GLU B 107 -31.07 19.34 6.78
CA GLU B 107 -31.75 20.59 6.37
C GLU B 107 -33.24 20.52 6.68
N ASN B 108 -33.89 19.39 6.47
CA ASN B 108 -35.37 19.36 6.54
C ASN B 108 -35.82 18.69 7.84
N ILE B 109 -35.27 17.52 8.19
CA ILE B 109 -35.81 16.74 9.34
C ILE B 109 -35.20 17.25 10.63
N LEU B 110 -33.93 16.95 10.89
CA LEU B 110 -33.19 17.40 12.11
C LEU B 110 -33.33 18.90 12.28
N LYS B 111 -33.02 19.68 11.24
CA LYS B 111 -33.10 21.15 11.27
C LYS B 111 -32.37 21.66 12.52
N ASN B 112 -31.04 21.49 12.55
CA ASN B 112 -30.16 22.12 13.57
C ASN B 112 -30.39 21.63 15.01
N SER B 113 -30.74 20.35 15.16
CA SER B 113 -31.30 19.71 16.38
C SER B 113 -30.52 18.39 16.35
N LYS B 114 -29.49 18.26 17.20
CA LYS B 114 -28.73 16.98 17.43
C LYS B 114 -29.64 15.81 17.84
N PHE B 115 -29.26 14.58 17.52
CA PHE B 115 -30.01 13.41 17.99
C PHE B 115 -30.22 13.53 19.51
N SER B 116 -29.22 14.04 20.22
CA SER B 116 -29.24 14.28 21.69
C SER B 116 -30.55 14.97 22.05
N GLU B 117 -30.79 16.12 21.42
CA GLU B 117 -31.99 16.97 21.63
C GLU B 117 -33.24 16.09 21.54
N LEU B 118 -33.32 15.25 20.51
CA LEU B 118 -34.52 14.41 20.23
C LEU B 118 -34.59 13.29 21.28
N ILE B 119 -33.47 12.68 21.63
CA ILE B 119 -33.47 11.61 22.68
C ILE B 119 -34.10 12.19 23.93
N ARG B 120 -33.58 13.31 24.46
CA ARG B 120 -34.08 13.87 25.74
C ARG B 120 -35.57 14.16 25.57
N GLU B 121 -35.97 14.67 24.41
CA GLU B 121 -37.40 14.91 24.15
C GLU B 121 -38.17 13.63 24.49
N VAL B 122 -37.73 12.46 24.03
CA VAL B 122 -38.42 11.15 24.29
C VAL B 122 -38.32 10.84 25.78
N ARG B 123 -37.12 11.00 26.35
CA ARG B 123 -36.87 10.70 27.77
C ARG B 123 -37.87 11.53 28.57
N VAL B 124 -37.89 12.84 28.38
CA VAL B 124 -38.86 13.71 29.10
C VAL B 124 -40.19 12.98 29.16
N ILE B 125 -40.72 12.59 28.01
CA ILE B 125 -42.15 12.19 27.89
C ILE B 125 -42.32 10.79 28.51
N LYS B 126 -41.37 9.89 28.32
CA LYS B 126 -41.35 8.60 29.06
C LYS B 126 -41.42 8.84 30.57
N ASP B 127 -40.81 9.91 31.08
CA ASP B 127 -40.89 10.30 32.51
C ASP B 127 -42.31 10.79 32.80
N GLU B 128 -42.75 11.83 32.08
CA GLU B 128 -44.13 12.38 32.18
C GLU B 128 -45.09 11.21 32.34
N TYR B 129 -44.91 10.16 31.52
CA TYR B 129 -45.78 8.98 31.51
C TYR B 129 -45.44 8.08 32.70
N ALA B 130 -44.17 7.93 33.03
CA ALA B 130 -43.77 7.15 34.23
C ALA B 130 -44.65 7.60 35.40
N LEU B 131 -44.66 8.91 35.65
CA LEU B 131 -45.32 9.58 36.80
C LEU B 131 -46.84 9.42 36.71
N ILE B 132 -47.40 9.41 35.51
CA ILE B 132 -48.87 9.15 35.35
C ILE B 132 -49.18 7.77 35.96
N LYS B 133 -48.61 6.69 35.41
CA LYS B 133 -48.93 5.31 35.85
C LYS B 133 -48.75 5.21 37.37
N ALA B 134 -47.69 5.83 37.90
CA ALA B 134 -47.51 6.08 39.34
C ALA B 134 -48.83 6.67 39.89
N ASP B 135 -49.09 7.95 39.66
CA ASP B 135 -50.38 8.58 40.04
C ASP B 135 -51.51 7.55 39.94
N LEU B 136 -51.65 6.92 38.78
CA LEU B 136 -52.80 6.01 38.49
C LEU B 136 -52.87 4.92 39.56
N TYR B 137 -51.84 4.07 39.66
CA TYR B 137 -51.82 2.93 40.60
C TYR B 137 -51.96 3.45 42.04
N ASP B 138 -51.29 4.57 42.37
CA ASP B 138 -51.38 5.24 43.70
C ASP B 138 -52.85 5.57 44.01
N VAL B 139 -53.60 6.00 42.98
CA VAL B 139 -55.00 6.54 43.12
C VAL B 139 -56.02 5.41 42.99
N ILE B 140 -55.60 4.17 42.69
CA ILE B 140 -56.45 2.95 42.87
C ILE B 140 -56.08 2.31 44.22
N GLY B 141 -54.86 2.58 44.68
CA GLY B 141 -54.45 2.39 46.09
C GLY B 141 -55.37 3.15 47.01
N LYS B 142 -56.14 4.11 46.49
CA LYS B 142 -57.06 5.01 47.24
C LYS B 142 -58.52 4.58 47.09
N ILE B 143 -58.89 3.96 45.97
CA ILE B 143 -60.28 3.46 45.71
C ILE B 143 -60.40 1.99 46.18
N ASN B 144 -59.31 1.25 46.17
CA ASN B 144 -59.39 -0.16 46.54
C ASN B 144 -59.53 -0.37 48.01
N ASN B 145 -59.68 0.72 48.73
CA ASN B 145 -59.78 0.63 50.15
C ASN B 145 -61.06 1.26 50.57
N LYS B 146 -61.43 2.32 49.88
CA LYS B 146 -62.64 3.03 50.20
C LYS B 146 -63.92 2.45 49.58
N LYS B 147 -63.80 1.32 48.91
CA LYS B 147 -64.94 0.60 48.39
C LYS B 147 -65.31 -0.53 49.36
N THR B 148 -64.73 -0.50 50.55
CA THR B 148 -64.97 -1.45 51.59
C THR B 148 -65.57 -0.69 52.79
N ASN B 162 -71.67 -2.50 46.36
CA ASN B 162 -70.70 -1.37 46.38
C ASN B 162 -71.45 -0.08 45.97
N LYS B 163 -70.74 0.86 45.36
CA LYS B 163 -71.32 1.94 44.51
C LYS B 163 -70.63 1.91 43.15
N LEU B 164 -69.29 2.07 43.12
CA LEU B 164 -68.46 1.95 41.90
C LEU B 164 -67.54 0.72 42.00
N THR B 165 -67.64 -0.15 40.99
CA THR B 165 -66.65 -1.21 40.65
C THR B 165 -66.12 -0.98 39.23
N GLN B 166 -66.93 -0.36 38.34
CA GLN B 166 -66.63 -0.15 36.89
C GLN B 166 -65.36 0.70 36.71
N LEU B 167 -65.08 1.64 37.63
CA LEU B 167 -63.85 2.49 37.64
C LEU B 167 -62.61 1.61 37.63
N LEU B 168 -62.52 0.67 38.60
CA LEU B 168 -61.50 -0.41 38.62
C LEU B 168 -61.24 -0.87 37.17
N GLN B 169 -62.29 -1.21 36.42
CA GLN B 169 -62.21 -1.82 35.07
C GLN B 169 -62.14 -0.74 33.98
N ASN B 170 -62.91 0.36 34.10
CA ASN B 170 -62.77 1.58 33.26
C ASN B 170 -61.28 1.97 33.23
N ASN B 171 -60.73 2.28 34.41
CA ASN B 171 -59.33 2.68 34.65
C ASN B 171 -58.51 1.42 35.01
N LEU B 172 -58.64 0.38 34.19
CA LEU B 172 -57.67 -0.74 34.07
C LEU B 172 -57.54 -1.04 32.57
N LYS B 173 -58.66 -0.98 31.83
CA LYS B 173 -58.71 -0.66 30.38
C LYS B 173 -57.66 0.42 30.09
N ILE B 174 -57.70 1.52 30.85
CA ILE B 174 -56.64 2.58 30.83
C ILE B 174 -55.29 1.89 31.04
N ASP B 175 -55.06 1.38 32.26
CA ASP B 175 -53.77 0.75 32.66
C ASP B 175 -53.22 0.01 31.44
N SER B 176 -54.09 -0.70 30.71
CA SER B 176 -53.75 -1.31 29.40
C SER B 176 -53.34 -0.17 28.44
N GLU B 177 -54.31 0.63 27.97
CA GLU B 177 -54.09 1.74 27.01
C GLU B 177 -52.79 2.46 27.35
N LEU B 178 -52.58 2.75 28.63
CA LEU B 178 -51.35 3.40 29.11
C LEU B 178 -50.14 2.53 28.75
N GLU B 179 -50.17 1.24 29.06
CA GLU B 179 -49.04 0.30 28.80
C GLU B 179 -48.66 0.36 27.31
N GLN B 180 -49.67 0.29 26.43
CA GLN B 180 -49.51 0.49 24.96
C GLN B 180 -48.69 1.76 24.70
N LEU B 181 -49.16 2.90 25.18
CA LEU B 181 -48.52 4.23 24.95
C LEU B 181 -47.10 4.25 25.52
N ILE B 182 -46.85 3.57 26.64
CA ILE B 182 -45.51 3.52 27.29
C ILE B 182 -44.55 2.72 26.40
N ASN B 183 -45.07 1.76 25.69
CA ASN B 183 -44.27 0.95 24.82
C ASN B 183 -44.16 1.58 23.47
N ILE B 185 -43.88 4.80 23.31
CA ILE B 185 -42.86 5.70 23.75
C ILE B 185 -41.47 5.17 23.91
N ASP B 186 -41.32 3.91 24.21
CA ASP B 186 -40.05 3.29 24.37
C ASP B 186 -39.63 2.79 23.05
N ALA B 188 -40.21 4.20 20.22
CA ALA B 188 -39.74 5.41 19.63
C ALA B 188 -38.32 5.69 19.95
N GLU B 189 -37.90 5.50 21.18
CA GLU B 189 -36.56 5.72 21.57
C GLU B 189 -35.63 4.83 20.87
N ASN B 190 -36.02 3.60 20.74
CA ASN B 190 -35.18 2.61 20.01
C ASN B 190 -34.90 3.15 18.60
N GLU B 191 -35.94 3.55 17.89
CA GLU B 191 -35.82 4.05 16.49
C GLU B 191 -34.74 5.12 16.41
N ILE B 192 -34.82 6.12 17.27
CA ILE B 192 -33.96 7.35 17.18
C ILE B 192 -32.52 6.99 17.53
N SER B 193 -32.30 5.95 18.35
CA SER B 193 -31.00 5.24 18.44
C SER B 193 -30.57 4.69 17.06
N SER B 194 -31.38 3.84 16.44
CA SER B 194 -31.08 3.30 15.09
C SER B 194 -30.75 4.49 14.20
N ALA B 195 -31.64 5.48 14.17
CA ALA B 195 -31.43 6.69 13.36
C ALA B 195 -30.01 7.16 13.61
N ALA B 196 -29.75 7.66 14.83
CA ALA B 196 -28.47 8.27 15.21
C ALA B 196 -27.34 7.47 14.56
N PHE B 197 -27.38 6.15 14.75
CA PHE B 197 -26.33 5.20 14.30
C PHE B 197 -26.18 5.32 12.80
N PHE B 198 -27.20 4.96 12.03
CA PHE B 198 -27.12 4.96 10.55
C PHE B 198 -26.70 6.34 10.06
N PHE B 199 -27.09 7.40 10.76
CA PHE B 199 -26.68 8.77 10.40
C PHE B 199 -25.16 8.94 10.50
N ASP B 200 -24.59 8.75 11.67
CA ASP B 200 -23.11 8.85 11.85
C ASP B 200 -22.46 7.98 10.77
N ASN B 201 -22.92 6.76 10.67
CA ASN B 201 -22.39 5.75 9.74
C ASN B 201 -22.48 6.23 8.30
N ALA B 202 -23.54 6.95 7.95
CA ALA B 202 -23.63 7.61 6.63
C ALA B 202 -22.45 8.57 6.45
N GLN B 203 -22.28 9.50 7.38
CA GLN B 203 -21.26 10.55 7.28
C GLN B 203 -19.88 9.92 7.18
N LYS B 204 -19.61 8.94 8.03
CA LYS B 204 -18.29 8.27 8.08
C LYS B 204 -18.07 7.63 6.72
N ARG B 205 -19.01 6.82 6.25
CA ARG B 205 -18.92 6.14 4.95
C ARG B 205 -18.54 7.11 3.83
N LEU B 206 -19.07 8.34 3.87
CA LEU B 206 -18.88 9.34 2.78
C LEU B 206 -17.49 9.97 2.83
N LYS B 207 -17.00 10.31 4.02
CA LYS B 207 -15.59 10.71 4.18
C LYS B 207 -14.76 9.58 3.58
N GLU B 208 -14.96 8.37 4.12
CA GLU B 208 -14.20 7.15 3.75
C GLU B 208 -14.18 7.07 2.21
N SER B 209 -15.33 7.06 1.54
CA SER B 209 -15.34 6.88 0.06
C SER B 209 -14.35 7.86 -0.53
N ILE B 210 -14.47 9.12 -0.18
CA ILE B 210 -13.68 10.20 -0.84
C ILE B 210 -12.20 9.85 -0.69
N ILE B 211 -11.74 9.71 0.55
CA ILE B 211 -10.35 9.26 0.88
C ILE B 211 -10.03 8.06 -0.01
N LYS B 212 -10.81 7.00 0.12
CA LYS B 212 -10.49 5.77 -0.62
C LYS B 212 -10.21 6.12 -2.08
N ARG B 213 -11.00 7.01 -2.69
CA ARG B 213 -10.86 7.43 -4.12
C ARG B 213 -9.51 8.09 -4.35
N LEU B 214 -9.21 9.14 -3.57
CA LEU B 214 -7.90 9.85 -3.65
C LEU B 214 -6.78 8.82 -3.48
N GLU B 215 -6.85 7.94 -2.46
CA GLU B 215 -5.88 6.85 -2.20
C GLU B 215 -5.65 6.07 -3.49
N SER B 216 -6.71 5.74 -4.23
CA SER B 216 -6.63 4.85 -5.42
C SER B 216 -5.92 5.58 -6.56
N LYS B 217 -5.96 6.91 -6.59
CA LYS B 217 -5.34 7.75 -7.65
C LYS B 217 -3.81 7.67 -7.48
N ASN B 218 -3.36 7.88 -6.24
CA ASN B 218 -1.95 7.76 -5.81
C ASN B 218 -1.46 6.37 -6.14
N ASN B 219 -2.05 5.34 -5.52
CA ASN B 219 -1.67 3.94 -5.77
C ASN B 219 -1.40 3.78 -7.27
N ARG B 220 -2.18 4.46 -8.11
CA ARG B 220 -1.99 4.38 -9.58
C ARG B 220 -0.71 5.11 -9.96
N SER B 221 -0.53 6.34 -9.51
CA SER B 221 0.76 7.07 -9.68
C SER B 221 1.93 6.15 -9.32
N TYR B 222 1.93 5.56 -8.13
CA TYR B 222 3.08 4.74 -7.67
C TYR B 222 3.24 3.60 -8.66
N ALA B 223 2.17 2.86 -8.97
CA ALA B 223 2.18 1.75 -9.96
C ALA B 223 2.97 2.23 -11.16
N LEU B 224 2.54 3.33 -11.76
CA LEU B 224 3.09 3.87 -13.02
C LEU B 224 4.58 4.16 -12.88
N LYS B 225 4.97 4.98 -11.91
CA LYS B 225 6.39 5.26 -11.59
C LYS B 225 7.14 3.92 -11.56
N LEU B 226 6.56 2.89 -10.94
CA LEU B 226 7.18 1.55 -10.79
C LEU B 226 7.31 0.89 -12.16
N SER B 227 6.27 0.93 -12.98
CA SER B 227 6.21 0.32 -14.34
C SER B 227 7.17 1.00 -15.32
N ARG B 228 7.79 2.13 -14.93
CA ARG B 228 8.74 2.91 -15.77
C ARG B 228 10.18 2.64 -15.34
N GLN B 229 10.40 2.50 -14.03
CA GLN B 229 11.66 2.03 -13.42
C GLN B 229 11.93 0.61 -13.89
N ALA B 230 10.87 -0.17 -14.06
CA ALA B 230 10.90 -1.53 -14.62
C ALA B 230 11.54 -1.51 -16.01
N LEU B 231 11.18 -0.54 -16.84
CA LEU B 231 11.79 -0.37 -18.19
C LEU B 231 13.26 0.05 -18.05
N SER B 232 13.48 1.27 -17.53
CA SER B 232 14.79 1.84 -17.12
C SER B 232 15.75 0.71 -16.69
N ASP B 233 15.36 -0.09 -15.70
CA ASP B 233 16.20 -1.19 -15.19
C ASP B 233 16.53 -2.13 -16.35
N ALA B 234 15.53 -2.51 -17.14
CA ALA B 234 15.70 -3.46 -18.27
C ALA B 234 16.56 -2.82 -19.36
N ARG B 235 16.66 -1.49 -19.37
CA ARG B 235 17.47 -0.75 -20.37
C ARG B 235 18.88 -0.61 -19.82
N SER B 236 19.03 -0.28 -18.53
CA SER B 236 20.32 -0.40 -17.81
C SER B 236 20.88 -1.80 -18.12
N ALA B 237 20.26 -2.84 -17.57
CA ALA B 237 20.63 -4.25 -17.82
C ALA B 237 21.19 -4.40 -19.23
N LEU B 238 20.52 -3.87 -20.25
CA LEU B 238 20.92 -4.02 -21.68
C LEU B 238 22.21 -3.26 -21.94
N SER B 239 22.28 -2.02 -21.51
CA SER B 239 23.46 -1.16 -21.69
C SER B 239 24.70 -1.91 -21.20
N ASN B 240 24.61 -2.61 -20.06
CA ASN B 240 25.77 -3.35 -19.49
C ASN B 240 26.09 -4.47 -20.47
N LEU B 241 25.15 -5.37 -20.73
CA LEU B 241 25.40 -6.44 -21.72
C LEU B 241 26.17 -5.85 -22.91
N GLU B 242 25.60 -4.83 -23.57
CA GLU B 242 26.18 -4.22 -24.80
C GLU B 242 27.66 -3.89 -24.55
N SER B 243 27.93 -3.18 -23.45
CA SER B 243 29.30 -2.83 -23.00
C SER B 243 30.13 -4.11 -22.93
N PHE B 244 29.82 -4.98 -21.96
CA PHE B 244 30.49 -6.29 -21.76
C PHE B 244 30.84 -6.96 -23.09
N ALA B 245 29.90 -6.97 -24.03
CA ALA B 245 30.05 -7.74 -25.29
C ALA B 245 31.11 -7.05 -26.17
N SER B 246 31.26 -5.72 -26.04
CA SER B 246 32.26 -4.89 -26.79
C SER B 246 33.63 -4.83 -26.08
N LYS B 247 33.84 -5.64 -25.04
CA LYS B 247 35.14 -5.78 -24.34
C LYS B 247 35.67 -7.20 -24.56
N ARG B 248 34.87 -8.08 -25.16
CA ARG B 248 35.19 -9.52 -25.23
C ARG B 248 36.53 -9.72 -25.95
N ILE B 249 36.68 -9.13 -27.14
CA ILE B 249 37.63 -9.63 -28.17
C ILE B 249 39.03 -9.05 -27.94
N GLU B 250 39.13 -7.76 -27.63
CA GLU B 250 40.44 -7.06 -27.46
C GLU B 250 41.36 -8.01 -26.70
N PRO B 251 40.95 -8.47 -25.50
CA PRO B 251 41.81 -9.33 -24.70
C PRO B 251 42.26 -10.54 -25.48
N VAL B 253 42.50 -11.56 -28.40
CA VAL B 253 43.46 -11.22 -29.44
C VAL B 253 44.82 -10.93 -28.80
N ARG B 254 44.86 -9.93 -27.92
CA ARG B 254 46.09 -9.30 -27.38
C ARG B 254 46.88 -10.35 -26.59
N LYS B 255 46.16 -11.20 -25.85
CA LYS B 255 46.65 -12.11 -24.79
C LYS B 255 47.72 -13.07 -25.31
N GLU B 256 47.61 -13.54 -26.55
CA GLU B 256 48.65 -14.43 -27.12
C GLU B 256 49.90 -13.58 -27.36
N GLU B 257 49.73 -12.44 -28.01
CA GLU B 257 50.86 -11.58 -28.45
C GLU B 257 51.79 -11.29 -27.28
N ILE B 258 51.20 -10.81 -26.18
CA ILE B 258 51.82 -10.59 -24.84
C ILE B 258 52.56 -11.84 -24.38
N LYS B 259 51.84 -12.96 -24.26
CA LYS B 259 52.43 -14.28 -23.90
C LYS B 259 53.74 -14.50 -24.67
N GLU B 260 53.75 -14.13 -25.95
CA GLU B 260 54.94 -14.29 -26.79
C GLU B 260 56.00 -13.33 -26.28
N LEU B 261 55.74 -12.02 -26.37
CA LEU B 261 56.68 -10.95 -25.94
C LEU B 261 57.37 -11.35 -24.64
N ILE B 262 56.63 -12.03 -23.77
CA ILE B 262 57.20 -12.54 -22.49
C ILE B 262 58.02 -13.79 -22.78
N LYS B 263 57.49 -14.74 -23.56
CA LYS B 263 58.32 -15.87 -24.04
C LYS B 263 59.69 -15.29 -24.42
N HIS B 264 59.70 -14.30 -25.30
CA HIS B 264 60.93 -13.67 -25.83
C HIS B 264 61.76 -13.07 -24.67
N ALA B 265 61.12 -12.32 -23.80
CA ALA B 265 61.85 -11.54 -22.78
C ALA B 265 62.79 -12.45 -21.98
N LYS B 266 62.37 -13.68 -21.69
CA LYS B 266 63.10 -14.56 -20.74
C LYS B 266 64.21 -15.24 -21.52
N THR B 267 64.01 -15.38 -22.83
CA THR B 267 65.05 -15.72 -23.83
C THR B 267 66.26 -14.79 -23.68
N VAL B 268 66.10 -13.51 -24.02
CA VAL B 268 67.16 -12.45 -23.89
C VAL B 268 67.95 -12.67 -22.59
N LEU B 269 67.24 -12.83 -21.47
CA LEU B 269 67.82 -12.92 -20.09
C LEU B 269 68.72 -14.15 -19.99
N GLU B 270 68.26 -15.28 -20.51
CA GLU B 270 69.01 -16.56 -20.42
C GLU B 270 70.22 -16.49 -21.38
N SER B 271 70.14 -15.68 -22.45
CA SER B 271 71.21 -15.48 -23.46
C SER B 271 72.42 -14.76 -22.88
N LEU B 272 72.24 -13.77 -21.99
CA LEU B 272 73.37 -13.02 -21.38
C LEU B 272 74.27 -13.99 -20.65
N ASN B 273 73.66 -14.98 -19.97
CA ASN B 273 74.36 -15.94 -19.06
C ASN B 273 74.83 -16.78 -20.26
N LYS B 274 75.91 -16.34 -20.95
CA LYS B 274 76.71 -17.10 -21.95
C LYS B 274 77.78 -16.16 -22.54
#